data_3QPV
#
_entry.id   3QPV
#
_cell.length_a   102.146
_cell.length_b   102.146
_cell.length_c   259.439
_cell.angle_alpha   90.00
_cell.angle_beta   90.00
_cell.angle_gamma   120.00
#
_symmetry.space_group_name_H-M   'P 65 2 2'
#
loop_
_entity.id
_entity.type
_entity.pdbx_description
1 polymer '6-phosphofructo-2-kinase/fructose-2,6-bisphosphatase 3'
2 non-polymer 2,6-di-O-phosphono-beta-D-fructofuranose
3 non-polymer 'PHOSPHONIC ACID'
4 non-polymer "ADENOSINE-5'-DIPHOSPHATE"
5 non-polymer 6-O-phosphono-beta-D-fructofuranose
6 water water
#
_entity_poly.entity_id   1
_entity_poly.type   'polypeptide(L)'
_entity_poly.pdbx_seq_one_letter_code
;MPLELTQSRVQKIWVPVDHRPSLPRSCGPKLTNSPTVIVMVGLPARGKTYISKKLTRYLNWIGVPTKVFNVGEYRREAVK
QYSSYNFFRPDNEEAMKVRKQCALAALRDVKSYLAKEGGQIAVFDATNTTRERRHMILHFAKENDFKAFFIESVCDDPTV
VASNIMEVKISSPDYKDCNSAEAMDDFMKRISCYEASYQPLDPDKCDRDLSLIKVIDVGRRFLVNRVQDHIQSRIVYYLM
NIHVQPRTIYLCRHGENEHNLQGRIGGDSGLSSRGKKFASALSKFVEEQNLKDLRVWTSQLKSTIQTAEALRLPYEQWKA
LNEIDAGVCEELTYEEIRDTYPEEYALREQDKYYYRYPTGESYQDLVQRLEPVIMELERQENVLVICHQAVLRCLLAYFL
DKSAEEMPYLKCPLHTVLKLTPVAYGCRVESIYLNVESVCTHRERSEDAKKGPNPLMRRNSVTPLASPEPTKKPRINSFE
EHVASTSAALPSCLPPEVPTQLPGQNMKGSRSSADSSRKH
;
_entity_poly.pdbx_strand_id   A
#
# COMPACT_ATOMS: atom_id res chain seq x y z
N GLU A 4 21.55 -31.84 5.98
CA GLU A 4 20.77 -33.04 5.59
C GLU A 4 19.31 -32.58 5.22
N LEU A 5 18.92 -31.46 5.85
CA LEU A 5 17.68 -30.66 5.54
C LEU A 5 16.41 -31.15 6.21
N THR A 6 15.68 -30.20 6.83
CA THR A 6 14.35 -30.45 7.45
C THR A 6 13.24 -29.46 6.98
N GLN A 7 12.01 -29.90 6.78
CA GLN A 7 11.00 -29.00 6.29
C GLN A 7 10.26 -28.19 7.38
N SER A 8 10.44 -26.85 7.40
CA SER A 8 9.88 -26.03 8.50
C SER A 8 8.37 -26.24 8.61
N ARG A 9 7.79 -26.20 9.79
CA ARG A 9 6.37 -26.67 9.85
C ARG A 9 5.25 -25.76 9.34
N VAL A 10 5.52 -24.46 9.39
CA VAL A 10 4.53 -23.45 9.03
C VAL A 10 4.65 -23.08 7.59
N GLN A 11 5.80 -22.49 7.21
CA GLN A 11 6.13 -22.10 5.84
C GLN A 11 6.49 -23.26 4.85
N LYS A 12 6.66 -24.49 5.33
CA LYS A 12 7.10 -25.65 4.51
C LYS A 12 8.39 -25.41 3.69
N ILE A 13 9.31 -24.64 4.24
CA ILE A 13 10.63 -24.33 3.67
C ILE A 13 11.70 -25.32 4.16
N TRP A 14 12.43 -25.92 3.22
CA TRP A 14 13.55 -26.79 3.55
C TRP A 14 14.78 -25.99 4.02
N VAL A 15 15.15 -26.24 5.26
CA VAL A 15 16.31 -25.56 5.88
C VAL A 15 17.29 -26.62 6.38
N PRO A 16 18.57 -26.26 6.43
CA PRO A 16 19.58 -27.20 6.94
C PRO A 16 19.44 -27.42 8.46
N VAL A 17 19.23 -28.68 8.89
CA VAL A 17 19.12 -29.09 10.32
C VAL A 17 20.18 -28.43 11.18
N ASP A 18 19.77 -27.70 12.21
CA ASP A 18 20.75 -26.95 13.01
C ASP A 18 21.13 -27.69 14.32
N HIS A 19 22.09 -28.60 14.20
CA HIS A 19 22.52 -29.43 15.30
C HIS A 19 23.60 -28.65 16.04
N ARG A 20 23.25 -27.77 16.97
CA ARG A 20 24.27 -26.93 17.67
C ARG A 20 25.50 -27.73 18.22
N PRO A 21 26.77 -27.20 18.09
CA PRO A 21 28.03 -28.03 18.08
C PRO A 21 28.19 -29.05 19.22
N ASN A 33 20.57 -6.55 1.59
CA ASN A 33 21.85 -5.86 1.86
C ASN A 33 21.61 -4.46 2.52
N SER A 34 22.36 -3.42 2.10
CA SER A 34 22.23 -2.05 2.65
C SER A 34 20.82 -1.46 2.64
N PRO A 35 20.39 -0.91 3.78
CA PRO A 35 19.17 -0.14 3.90
C PRO A 35 19.20 1.12 3.02
N THR A 36 18.01 1.59 2.68
CA THR A 36 17.89 2.76 1.84
C THR A 36 17.16 3.96 2.44
N VAL A 37 17.77 5.11 2.31
CA VAL A 37 17.10 6.33 2.68
C VAL A 37 16.62 6.93 1.38
N ILE A 38 15.30 7.08 1.27
CA ILE A 38 14.72 7.79 0.13
C ILE A 38 14.48 9.25 0.56
N VAL A 39 14.98 10.15 -0.26
CA VAL A 39 14.96 11.56 0.02
C VAL A 39 14.00 12.26 -0.90
N MET A 40 12.91 12.79 -0.34
CA MET A 40 11.94 13.52 -1.18
C MET A 40 12.49 14.90 -1.41
N VAL A 41 12.28 15.39 -2.61
CA VAL A 41 12.68 16.74 -2.94
C VAL A 41 11.57 17.57 -3.62
N GLY A 42 11.43 18.85 -3.22
CA GLY A 42 10.57 19.76 -3.96
C GLY A 42 9.78 20.77 -3.12
N LEU A 43 9.28 21.80 -3.79
CA LEU A 43 8.50 22.84 -3.12
C LEU A 43 7.30 22.18 -2.47
N PRO A 44 6.69 22.86 -1.48
CA PRO A 44 5.50 22.30 -0.90
C PRO A 44 4.38 22.16 -1.88
N ALA A 45 3.46 21.22 -1.55
CA ALA A 45 2.28 20.92 -2.33
C ALA A 45 2.75 20.41 -3.68
N ARG A 46 3.76 19.56 -3.70
CA ARG A 46 4.17 19.00 -4.99
C ARG A 46 3.87 17.49 -4.99
N GLY A 47 3.16 16.98 -4.00
CA GLY A 47 2.85 15.57 -3.96
C GLY A 47 3.88 14.73 -3.22
N LYS A 48 4.84 15.36 -2.57
CA LYS A 48 5.84 14.58 -1.85
C LYS A 48 5.30 13.64 -0.77
N THR A 49 4.38 14.12 0.08
CA THR A 49 3.86 13.31 1.16
C THR A 49 3.04 12.18 0.59
N TYR A 50 2.24 12.52 -0.41
CA TYR A 50 1.38 11.62 -1.14
C TYR A 50 2.23 10.44 -1.75
N ILE A 51 3.23 10.74 -2.57
CA ILE A 51 4.18 9.75 -3.03
C ILE A 51 4.83 8.99 -1.87
N SER A 52 5.20 9.68 -0.79
CA SER A 52 5.83 9.01 0.34
C SER A 52 4.88 7.97 0.87
N LYS A 53 3.63 8.35 1.16
CA LYS A 53 2.72 7.39 1.85
C LYS A 53 2.38 6.22 0.93
N LYS A 54 2.15 6.53 -0.36
CA LYS A 54 1.67 5.59 -1.30
C LYS A 54 2.83 4.55 -1.56
N LEU A 55 4.01 5.09 -1.83
CA LEU A 55 5.14 4.24 -2.05
C LEU A 55 5.41 3.35 -0.85
N THR A 56 5.13 3.82 0.37
CA THR A 56 5.41 3.06 1.62
C THR A 56 4.41 1.95 1.75
N ARG A 57 3.18 2.28 1.36
CA ARG A 57 2.07 1.36 1.36
C ARG A 57 2.42 0.15 0.46
N TYR A 58 2.94 0.43 -0.72
CA TYR A 58 3.30 -0.57 -1.69
C TYR A 58 4.42 -1.50 -1.14
N LEU A 59 5.47 -0.86 -0.65
CA LEU A 59 6.66 -1.53 -0.19
C LEU A 59 6.38 -2.47 0.97
N ASN A 60 5.63 -1.95 1.94
CA ASN A 60 5.30 -2.78 3.06
C ASN A 60 4.46 -3.97 2.57
N TRP A 61 3.49 -3.73 1.70
CA TRP A 61 2.62 -4.83 1.28
C TRP A 61 3.47 -5.93 0.57
N ILE A 62 4.38 -5.55 -0.31
CA ILE A 62 5.24 -6.58 -0.92
C ILE A 62 6.29 -7.15 0.03
N GLY A 63 6.33 -6.76 1.31
CA GLY A 63 7.24 -7.36 2.29
C GLY A 63 8.60 -6.62 2.49
N VAL A 64 8.78 -5.44 1.88
CA VAL A 64 9.94 -4.56 2.23
C VAL A 64 9.61 -3.53 3.34
N PRO A 65 10.08 -3.75 4.59
CA PRO A 65 9.69 -2.83 5.67
C PRO A 65 10.20 -1.38 5.49
N THR A 66 9.23 -0.48 5.52
CA THR A 66 9.37 0.87 5.10
C THR A 66 8.57 1.79 6.02
N LYS A 67 9.19 2.92 6.34
CA LYS A 67 8.56 3.91 7.22
C LYS A 67 8.78 5.33 6.72
N VAL A 68 7.71 6.11 6.83
CA VAL A 68 7.80 7.56 6.47
C VAL A 68 8.26 8.41 7.68
N PHE A 69 9.28 9.25 7.50
CA PHE A 69 9.67 10.30 8.47
C PHE A 69 9.34 11.67 7.87
N ASN A 70 8.18 12.19 8.29
CA ASN A 70 7.68 13.51 7.85
C ASN A 70 8.22 14.55 8.85
N VAL A 71 9.16 15.39 8.37
CA VAL A 71 9.84 16.39 9.19
C VAL A 71 8.83 17.46 9.74
N GLY A 72 7.82 17.77 8.93
CA GLY A 72 6.72 18.56 9.38
C GLY A 72 6.04 18.07 10.66
N GLU A 73 6.00 16.76 10.90
CA GLU A 73 5.29 16.24 12.07
C GLU A 73 6.18 16.40 13.24
N TYR A 74 7.49 16.33 13.03
CA TYR A 74 8.47 16.66 14.07
C TYR A 74 8.32 18.15 14.50
N ARG A 75 8.16 19.01 13.51
CA ARG A 75 7.95 20.41 13.73
C ARG A 75 6.69 20.65 14.56
N ARG A 76 5.62 19.91 14.25
CA ARG A 76 4.37 20.14 14.94
C ARG A 76 4.42 19.62 16.36
N GLU A 77 5.37 18.75 16.63
CA GLU A 77 5.53 18.19 17.93
C GLU A 77 6.37 19.17 18.75
N ALA A 78 7.30 19.88 18.14
CA ALA A 78 8.17 20.71 18.93
C ALA A 78 7.62 22.15 19.06
N VAL A 79 6.60 22.51 18.30
CA VAL A 79 6.22 23.91 18.32
C VAL A 79 4.79 24.23 18.73
N LYS A 80 4.13 23.35 19.48
CA LYS A 80 2.82 23.68 20.10
C LYS A 80 1.83 24.11 19.04
N GLN A 81 1.67 25.42 18.82
CA GLN A 81 0.69 25.88 17.81
C GLN A 81 1.36 26.72 16.72
N TYR A 82 1.09 26.33 15.47
CA TYR A 82 1.50 27.06 14.31
C TYR A 82 0.67 28.33 14.27
N SER A 83 1.32 29.40 13.82
CA SER A 83 0.58 30.65 13.67
C SER A 83 0.56 31.16 12.25
N SER A 84 1.69 31.06 11.55
CA SER A 84 1.77 31.58 10.16
C SER A 84 3.10 31.35 9.45
N TYR A 85 3.11 31.76 8.19
CA TYR A 85 4.20 31.45 7.35
C TYR A 85 5.47 32.19 7.81
N ASN A 86 5.29 33.15 8.72
CA ASN A 86 6.46 33.86 9.25
C ASN A 86 7.47 32.89 9.83
N PHE A 87 6.97 31.75 10.33
CA PHE A 87 7.82 30.69 10.90
C PHE A 87 8.86 30.22 9.85
N PHE A 88 8.48 30.28 8.58
CA PHE A 88 9.30 29.71 7.51
C PHE A 88 10.22 30.67 6.76
N ARG A 89 10.23 31.93 7.14
CA ARG A 89 10.98 32.96 6.42
C ARG A 89 12.45 32.63 6.52
N PRO A 90 13.22 32.87 5.47
CA PRO A 90 14.72 32.73 5.56
C PRO A 90 15.39 33.61 6.60
N ASP A 91 14.80 34.77 6.97
CA ASP A 91 15.45 35.66 7.97
C ASP A 91 15.21 35.18 9.42
N ASN A 92 14.40 34.11 9.58
CA ASN A 92 13.89 33.74 10.90
C ASN A 92 14.89 32.84 11.58
N GLU A 93 15.97 33.40 12.10
CA GLU A 93 17.06 32.62 12.62
C GLU A 93 16.63 31.59 13.70
N GLU A 94 15.78 31.97 14.67
CA GLU A 94 15.34 30.98 15.67
C GLU A 94 14.60 29.78 15.01
N ALA A 95 13.67 30.05 14.09
CA ALA A 95 12.97 28.98 13.44
C ALA A 95 13.87 28.12 12.57
N MET A 96 14.88 28.72 11.94
CA MET A 96 15.88 27.97 11.18
C MET A 96 16.60 26.98 12.14
N LYS A 97 16.90 27.39 13.38
CA LYS A 97 17.48 26.46 14.36
C LYS A 97 16.50 25.31 14.67
N VAL A 98 15.20 25.61 14.72
CA VAL A 98 14.26 24.57 15.09
C VAL A 98 14.04 23.56 13.94
N ARG A 99 13.92 24.10 12.73
CA ARG A 99 13.81 23.34 11.54
C ARG A 99 15.03 22.43 11.37
N LYS A 100 16.22 22.98 11.42
CA LYS A 100 17.40 22.10 11.36
C LYS A 100 17.37 20.93 12.38
N GLN A 101 17.04 21.26 13.64
CA GLN A 101 16.99 20.30 14.75
C GLN A 101 15.91 19.23 14.53
N CYS A 102 14.79 19.69 13.96
CA CYS A 102 13.70 18.84 13.51
C CYS A 102 14.16 17.82 12.44
N ALA A 103 14.79 18.30 11.37
CA ALA A 103 15.46 17.41 10.39
C ALA A 103 16.38 16.38 11.07
N LEU A 104 17.32 16.87 11.91
CA LEU A 104 18.32 15.99 12.57
C LEU A 104 17.66 15.00 13.48
N ALA A 105 16.56 15.38 14.11
CA ALA A 105 15.87 14.44 15.01
C ALA A 105 15.20 13.33 14.16
N ALA A 106 14.62 13.70 13.00
CA ALA A 106 14.03 12.78 12.06
C ALA A 106 15.10 11.83 11.58
N LEU A 107 16.27 12.37 11.21
CA LEU A 107 17.39 11.53 10.83
C LEU A 107 17.84 10.51 11.92
N ARG A 108 17.82 10.93 13.18
CA ARG A 108 18.21 10.11 14.26
C ARG A 108 17.29 8.90 14.26
N ASP A 109 15.99 9.14 14.07
CA ASP A 109 14.97 8.11 14.01
C ASP A 109 15.20 7.15 12.81
N VAL A 110 15.51 7.73 11.66
CA VAL A 110 15.85 6.97 10.48
C VAL A 110 16.98 5.99 10.82
N LYS A 111 17.96 6.44 11.62
CA LYS A 111 19.13 5.64 11.98
C LYS A 111 18.68 4.51 12.86
N SER A 112 17.92 4.88 13.84
CA SER A 112 17.37 3.93 14.69
C SER A 112 16.56 2.86 13.92
N TYR A 113 15.91 3.27 12.83
CA TYR A 113 14.92 2.40 12.21
C TYR A 113 15.63 1.48 11.24
N LEU A 114 16.52 2.04 10.44
CA LEU A 114 17.31 1.23 9.56
C LEU A 114 18.33 0.34 10.28
N ALA A 115 18.99 0.81 11.34
CA ALA A 115 20.05 0.03 11.96
C ALA A 115 19.61 -0.74 13.21
N LYS A 116 18.49 -0.40 13.82
CA LYS A 116 18.14 -1.14 15.04
C LYS A 116 16.76 -1.79 15.01
N GLU A 117 15.92 -1.46 14.04
CA GLU A 117 14.53 -1.87 14.16
C GLU A 117 14.07 -2.82 13.11
N GLY A 118 14.94 -3.11 12.17
CA GLY A 118 14.58 -4.06 11.17
C GLY A 118 14.13 -3.43 9.88
N GLY A 119 14.12 -2.11 9.81
CA GLY A 119 13.56 -1.39 8.66
C GLY A 119 14.52 -1.47 7.52
N GLN A 120 14.01 -1.44 6.30
CA GLN A 120 14.85 -1.58 5.15
C GLN A 120 14.85 -0.30 4.36
N ILE A 121 13.70 0.41 4.31
CA ILE A 121 13.62 1.70 3.62
C ILE A 121 13.04 2.77 4.52
N ALA A 122 13.69 3.94 4.50
CA ALA A 122 13.19 5.05 5.27
C ALA A 122 12.93 6.15 4.28
N VAL A 123 11.73 6.72 4.32
CA VAL A 123 11.44 7.79 3.39
C VAL A 123 11.51 9.09 4.13
N PHE A 124 12.47 9.91 3.75
CA PHE A 124 12.78 11.13 4.43
C PHE A 124 12.03 12.23 3.70
N ASP A 125 10.90 12.62 4.33
CA ASP A 125 9.91 13.46 3.70
C ASP A 125 9.93 14.91 4.21
N ALA A 126 10.57 15.76 3.41
CA ALA A 126 10.77 17.16 3.68
C ALA A 126 11.03 17.83 2.32
N THR A 127 11.12 19.16 2.28
CA THR A 127 11.34 19.82 0.97
C THR A 127 12.72 19.44 0.44
N ASN A 128 13.68 19.28 1.35
CA ASN A 128 15.04 18.95 0.97
C ASN A 128 15.49 19.67 -0.32
N THR A 129 15.09 20.94 -0.39
CA THR A 129 15.27 21.82 -1.58
C THR A 129 16.64 22.52 -1.83
N THR A 130 17.55 22.43 -0.87
CA THR A 130 18.90 23.02 -1.04
C THR A 130 19.97 21.94 -1.22
N ARG A 131 21.05 22.24 -1.96
CA ARG A 131 22.24 21.36 -2.00
C ARG A 131 22.82 21.11 -0.62
N GLU A 132 22.78 22.15 0.22
CA GLU A 132 23.32 22.08 1.54
C GLU A 132 22.55 21.02 2.27
N ARG A 133 21.22 21.02 2.18
CA ARG A 133 20.46 20.03 2.92
C ARG A 133 20.74 18.60 2.39
N ARG A 134 20.75 18.45 1.07
CA ARG A 134 20.97 17.12 0.51
C ARG A 134 22.35 16.59 0.84
N HIS A 135 23.31 17.50 0.78
CA HIS A 135 24.71 17.16 1.03
C HIS A 135 24.85 16.59 2.45
N MET A 136 24.17 17.22 3.42
CA MET A 136 24.14 16.71 4.77
C MET A 136 23.53 15.32 4.89
N ILE A 137 22.38 15.11 4.20
CA ILE A 137 21.68 13.86 4.23
C ILE A 137 22.62 12.78 3.66
N LEU A 138 23.28 13.09 2.56
CA LEU A 138 24.30 12.21 2.00
C LEU A 138 25.38 11.87 3.02
N HIS A 139 25.84 12.88 3.75
CA HIS A 139 26.92 12.63 4.70
C HIS A 139 26.46 11.59 5.72
N PHE A 140 25.25 11.77 6.18
CA PHE A 140 24.59 10.89 7.12
C PHE A 140 24.35 9.45 6.61
N ALA A 141 23.94 9.32 5.34
CA ALA A 141 23.80 8.02 4.70
C ALA A 141 25.16 7.29 4.69
N LYS A 142 26.11 7.92 4.01
CA LYS A 142 27.51 7.54 3.97
C LYS A 142 28.03 7.01 5.30
N GLU A 143 27.89 7.78 6.37
CA GLU A 143 28.50 7.38 7.59
C GLU A 143 27.71 6.29 8.23
N ASN A 144 26.51 6.01 7.76
CA ASN A 144 25.78 4.93 8.42
C ASN A 144 25.69 3.70 7.59
N ASP A 145 26.23 3.84 6.38
CA ASP A 145 26.17 2.78 5.41
C ASP A 145 24.81 2.48 4.80
N PHE A 146 24.17 3.56 4.42
CA PHE A 146 22.88 3.53 3.82
C PHE A 146 23.11 4.00 2.41
N LYS A 147 22.46 3.34 1.49
CA LYS A 147 22.27 3.89 0.19
C LYS A 147 21.30 5.06 0.30
N ALA A 148 21.41 5.94 -0.67
CA ALA A 148 20.54 7.10 -0.73
C ALA A 148 19.99 7.19 -2.13
N PHE A 149 18.68 7.51 -2.22
CA PHE A 149 17.99 7.61 -3.50
C PHE A 149 17.06 8.84 -3.49
N PHE A 150 17.10 9.68 -4.52
CA PHE A 150 16.32 10.92 -4.47
C PHE A 150 15.13 10.91 -5.41
N ILE A 151 14.00 11.43 -4.90
CA ILE A 151 12.76 11.56 -5.65
C ILE A 151 12.27 13.01 -5.57
N GLU A 152 12.31 13.70 -6.70
CA GLU A 152 11.96 15.08 -6.79
C GLU A 152 10.71 15.22 -7.62
N SER A 153 9.74 15.98 -7.08
CA SER A 153 8.49 16.29 -7.78
C SER A 153 8.58 17.73 -8.26
N VAL A 154 8.51 17.92 -9.57
CA VAL A 154 8.54 19.25 -10.14
C VAL A 154 7.21 19.55 -10.80
N CYS A 155 6.57 20.60 -10.32
CA CYS A 155 5.28 20.99 -10.91
C CYS A 155 4.99 22.47 -10.75
N ASP A 156 5.07 23.23 -11.83
CA ASP A 156 4.64 24.66 -11.79
C ASP A 156 3.43 24.87 -12.68
N ASP A 157 2.42 24.04 -12.47
CA ASP A 157 1.14 24.34 -13.02
C ASP A 157 0.27 24.86 -11.84
N PRO A 158 -0.09 26.19 -11.87
CA PRO A 158 -0.75 26.84 -10.72
C PRO A 158 -2.05 26.18 -10.35
N THR A 159 -2.75 25.61 -11.33
CA THR A 159 -4.01 24.95 -11.04
C THR A 159 -3.80 23.69 -10.22
N VAL A 160 -2.67 23.03 -10.49
CA VAL A 160 -2.32 21.80 -9.77
C VAL A 160 -1.90 22.11 -8.35
N VAL A 161 -0.97 23.05 -8.25
CA VAL A 161 -0.57 23.52 -6.94
C VAL A 161 -1.79 23.95 -6.20
N ALA A 162 -2.67 24.77 -6.80
CA ALA A 162 -3.86 25.29 -6.03
C ALA A 162 -4.78 24.16 -5.53
N SER A 163 -5.08 23.29 -6.48
CA SER A 163 -5.97 22.18 -6.19
C SER A 163 -5.37 21.32 -5.06
N ASN A 164 -4.06 21.07 -5.12
CA ASN A 164 -3.39 20.31 -4.09
C ASN A 164 -3.49 20.94 -2.73
N ILE A 165 -3.25 22.25 -2.67
CA ILE A 165 -3.45 22.99 -1.44
C ILE A 165 -4.89 22.84 -0.85
N MET A 166 -5.89 22.95 -1.72
CA MET A 166 -7.28 22.69 -1.30
C MET A 166 -7.47 21.29 -0.77
N GLU A 167 -6.86 20.30 -1.43
CA GLU A 167 -7.15 18.93 -1.01
C GLU A 167 -6.52 18.49 0.29
N VAL A 168 -5.32 18.96 0.60
CA VAL A 168 -4.63 18.41 1.77
C VAL A 168 -4.05 19.44 2.67
N LYS A 169 -3.85 20.67 2.22
CA LYS A 169 -3.10 21.58 3.07
C LYS A 169 -4.01 22.30 4.04
N ILE A 170 -5.06 22.92 3.50
CA ILE A 170 -5.98 23.74 4.29
C ILE A 170 -6.64 22.97 5.44
N SER A 171 -6.71 21.66 5.36
CA SER A 171 -7.29 20.94 6.48
C SER A 171 -6.22 20.23 7.33
N SER A 172 -4.98 20.75 7.32
CA SER A 172 -3.87 20.33 8.21
C SER A 172 -4.12 20.90 9.59
N PRO A 173 -3.60 20.26 10.66
CA PRO A 173 -3.69 20.88 12.01
C PRO A 173 -3.08 22.30 12.13
N ASP A 174 -2.14 22.65 11.26
CA ASP A 174 -1.56 24.02 11.24
C ASP A 174 -2.62 25.11 11.06
N TYR A 175 -3.73 24.76 10.40
CA TYR A 175 -4.74 25.71 10.00
C TYR A 175 -6.08 25.48 10.75
N LYS A 176 -6.01 24.90 11.95
CA LYS A 176 -7.23 24.57 12.74
C LYS A 176 -8.24 25.73 13.00
N ASP A 177 -7.75 26.89 13.41
CA ASP A 177 -8.68 27.96 13.81
C ASP A 177 -8.69 28.99 12.67
N CYS A 178 -9.08 28.54 11.49
CA CYS A 178 -8.67 29.23 10.29
C CYS A 178 -9.53 28.81 9.10
N ASN A 179 -9.88 29.73 8.21
CA ASN A 179 -10.68 29.36 7.06
C ASN A 179 -9.86 29.23 5.81
N SER A 180 -10.47 28.54 4.86
CA SER A 180 -9.99 28.37 3.49
C SER A 180 -9.14 29.49 2.90
N ALA A 181 -9.73 30.67 2.72
CA ALA A 181 -9.09 31.74 1.94
C ALA A 181 -7.76 32.22 2.54
N GLU A 182 -7.67 32.13 3.86
CA GLU A 182 -6.50 32.68 4.55
C GLU A 182 -5.46 31.57 4.81
N ALA A 183 -5.95 30.36 5.07
CA ALA A 183 -5.12 29.17 5.00
C ALA A 183 -4.45 29.09 3.62
N MET A 184 -5.24 29.15 2.55
CA MET A 184 -4.69 29.18 1.18
C MET A 184 -3.67 30.31 0.94
N ASP A 185 -3.99 31.49 1.45
CA ASP A 185 -3.14 32.65 1.26
C ASP A 185 -1.82 32.42 2.04
N ASP A 186 -1.95 31.98 3.29
CA ASP A 186 -0.77 31.70 4.14
C ASP A 186 0.19 30.65 3.50
N PHE A 187 -0.42 29.61 2.91
CA PHE A 187 0.36 28.52 2.39
C PHE A 187 1.06 28.96 1.11
N MET A 188 0.43 29.86 0.33
CA MET A 188 1.12 30.40 -0.84
C MET A 188 2.37 31.19 -0.42
N LYS A 189 2.27 31.92 0.68
CA LYS A 189 3.47 32.59 1.17
C LYS A 189 4.52 31.60 1.75
N ARG A 190 4.08 30.58 2.48
CA ARG A 190 5.03 29.51 2.88
C ARG A 190 5.76 28.96 1.67
N ILE A 191 5.04 28.66 0.59
CA ILE A 191 5.73 28.30 -0.65
C ILE A 191 6.76 29.34 -1.13
N SER A 192 6.40 30.63 -1.11
CA SER A 192 7.38 31.61 -1.61
C SER A 192 8.62 31.60 -0.74
N CYS A 193 8.48 31.36 0.56
CA CYS A 193 9.68 31.24 1.42
C CYS A 193 10.76 30.32 0.85
N TYR A 194 10.33 29.19 0.28
CA TYR A 194 11.24 28.19 -0.23
C TYR A 194 11.73 28.45 -1.64
N GLU A 195 10.94 29.18 -2.44
CA GLU A 195 11.33 29.51 -3.82
C GLU A 195 12.72 30.12 -3.94
N ALA A 196 13.08 31.05 -3.09
CA ALA A 196 14.41 31.71 -3.29
C ALA A 196 15.58 30.76 -3.25
N SER A 197 15.70 29.85 -2.31
CA SER A 197 16.94 29.04 -2.45
C SER A 197 16.75 27.58 -2.90
N TYR A 198 15.68 27.36 -3.66
CA TYR A 198 15.38 26.06 -4.16
C TYR A 198 16.34 25.75 -5.31
N GLN A 199 17.13 24.69 -5.12
CA GLN A 199 18.07 24.21 -6.15
C GLN A 199 17.63 22.82 -6.59
N PRO A 200 16.94 22.73 -7.74
CA PRO A 200 16.39 21.43 -8.18
C PRO A 200 17.52 20.45 -8.41
N LEU A 201 17.22 19.15 -8.49
CA LEU A 201 18.28 18.17 -8.75
C LEU A 201 18.78 18.47 -10.15
N ASP A 202 20.09 18.54 -10.31
CA ASP A 202 20.69 18.68 -11.65
C ASP A 202 21.42 17.40 -12.06
N PRO A 203 20.67 16.46 -12.65
CA PRO A 203 21.38 15.22 -12.95
C PRO A 203 22.49 15.47 -14.02
N ASP A 204 22.33 16.55 -14.79
CA ASP A 204 23.22 16.83 -15.91
C ASP A 204 24.60 17.31 -15.51
N LYS A 205 24.76 17.89 -14.33
CA LYS A 205 26.15 18.03 -13.89
C LYS A 205 26.46 17.84 -12.42
N CYS A 206 26.02 18.79 -11.60
CA CYS A 206 26.17 18.76 -10.15
C CYS A 206 25.60 17.50 -9.45
N ASP A 207 24.43 16.99 -9.86
CA ASP A 207 23.93 15.74 -9.27
C ASP A 207 24.19 14.47 -10.09
N ARG A 208 25.21 14.56 -10.97
CA ARG A 208 25.67 13.49 -11.85
C ARG A 208 25.74 12.12 -11.15
N ASP A 209 26.13 12.10 -9.88
CA ASP A 209 26.41 10.83 -9.20
C ASP A 209 25.32 10.40 -8.25
N LEU A 210 24.26 11.20 -8.17
CA LEU A 210 23.16 10.80 -7.30
C LEU A 210 22.25 9.85 -8.07
N SER A 211 21.74 8.84 -7.38
CA SER A 211 20.60 8.04 -7.84
C SER A 211 19.27 8.75 -7.60
N LEU A 212 18.56 9.05 -8.67
CA LEU A 212 17.36 9.83 -8.51
C LEU A 212 16.39 9.62 -9.67
N ILE A 213 15.18 10.03 -9.37
CA ILE A 213 14.18 10.19 -10.37
C ILE A 213 13.54 11.59 -10.15
N LYS A 214 13.33 12.30 -11.25
CA LYS A 214 12.70 13.56 -11.17
C LYS A 214 11.38 13.30 -11.89
N VAL A 215 10.27 13.44 -11.12
CA VAL A 215 8.90 13.29 -11.57
C VAL A 215 8.48 14.71 -11.96
N ILE A 216 8.04 14.88 -13.23
CA ILE A 216 7.78 16.19 -13.83
C ILE A 216 6.34 16.23 -14.31
N ASP A 217 5.65 17.33 -14.03
CA ASP A 217 4.27 17.52 -14.54
C ASP A 217 3.30 16.34 -14.27
N VAL A 218 3.23 16.00 -13.00
CA VAL A 218 2.35 14.94 -12.49
C VAL A 218 2.59 13.55 -13.20
N GLY A 219 3.83 13.29 -13.59
CA GLY A 219 4.18 12.00 -14.14
C GLY A 219 4.01 11.96 -15.63
N ARG A 220 3.96 13.13 -16.26
CA ARG A 220 3.96 13.23 -17.72
C ARG A 220 5.38 12.86 -18.24
N ARG A 221 6.39 13.02 -17.38
CA ARG A 221 7.82 12.96 -17.76
C ARG A 221 8.73 12.60 -16.61
N PHE A 222 9.77 11.82 -16.89
CA PHE A 222 10.69 11.36 -15.85
C PHE A 222 12.11 11.51 -16.31
N LEU A 223 12.95 11.87 -15.38
CA LEU A 223 14.35 11.81 -15.64
C LEU A 223 14.88 10.84 -14.56
N VAL A 224 15.48 9.74 -15.00
CA VAL A 224 15.98 8.71 -14.13
C VAL A 224 17.51 8.62 -14.25
N ASN A 225 18.18 8.54 -13.12
CA ASN A 225 19.61 8.62 -13.18
C ASN A 225 20.24 7.64 -12.20
N ARG A 226 21.13 6.80 -12.73
CA ARG A 226 21.84 5.75 -11.96
C ARG A 226 21.02 4.88 -11.07
N VAL A 227 20.04 4.12 -11.55
CA VAL A 227 19.42 3.13 -10.65
C VAL A 227 20.50 2.18 -10.16
N GLN A 228 20.54 1.83 -8.89
CA GLN A 228 21.67 1.03 -8.47
C GLN A 228 21.30 -0.32 -7.87
N ASP A 229 20.02 -0.67 -7.88
CA ASP A 229 19.66 -1.95 -7.29
C ASP A 229 18.19 -2.37 -7.51
N HIS A 230 17.90 -3.59 -7.06
CA HIS A 230 16.62 -4.22 -7.30
C HIS A 230 15.51 -3.27 -6.79
N ILE A 231 15.62 -2.89 -5.51
CA ILE A 231 14.58 -2.08 -4.92
C ILE A 231 14.42 -0.68 -5.50
N GLN A 232 15.49 -0.08 -5.99
CA GLN A 232 15.32 1.20 -6.72
C GLN A 232 14.60 1.06 -8.00
N SER A 233 14.86 -0.01 -8.74
CA SER A 233 14.24 -0.08 -10.07
C SER A 233 12.73 -0.36 -9.95
N ARG A 234 12.38 -1.17 -8.97
CA ARG A 234 10.98 -1.36 -8.60
C ARG A 234 10.26 0.00 -8.32
N ILE A 235 10.82 0.82 -7.41
CA ILE A 235 10.21 2.10 -7.01
C ILE A 235 9.93 2.90 -8.28
N VAL A 236 10.90 2.95 -9.20
CA VAL A 236 10.74 3.74 -10.41
C VAL A 236 9.63 3.20 -11.27
N TYR A 237 9.64 1.88 -11.44
CA TYR A 237 8.57 1.24 -12.16
C TYR A 237 7.18 1.62 -11.58
N TYR A 238 7.06 1.46 -10.28
CA TYR A 238 5.86 1.85 -9.55
C TYR A 238 5.51 3.31 -9.78
N LEU A 239 6.46 4.22 -9.51
CA LEU A 239 6.18 5.65 -9.72
C LEU A 239 5.71 6.00 -11.11
N MET A 240 6.15 5.24 -12.08
CA MET A 240 5.76 5.54 -13.43
C MET A 240 4.41 4.98 -13.84
N ASN A 241 3.75 4.23 -12.95
CA ASN A 241 2.50 3.57 -13.28
C ASN A 241 1.29 4.10 -12.48
N ILE A 242 1.56 4.81 -11.39
CA ILE A 242 0.49 5.42 -10.63
C ILE A 242 0.09 6.78 -11.28
N HIS A 243 -1.11 7.21 -11.03
CA HIS A 243 -1.53 8.47 -11.57
C HIS A 243 -2.44 9.01 -10.51
N VAL A 244 -3.00 10.16 -10.79
CA VAL A 244 -3.92 10.74 -9.85
C VAL A 244 -5.27 11.05 -10.48
N GLN A 245 -5.60 10.51 -11.64
CA GLN A 245 -6.90 10.76 -12.26
C GLN A 245 -8.02 10.20 -11.40
N PRO A 246 -9.17 10.88 -11.37
CA PRO A 246 -10.20 10.34 -10.45
C PRO A 246 -10.75 9.04 -11.03
N ARG A 247 -11.00 8.03 -10.19
CA ARG A 247 -11.69 6.81 -10.64
C ARG A 247 -12.17 5.97 -9.48
N THR A 248 -12.71 4.79 -9.76
CA THR A 248 -13.24 3.98 -8.70
C THR A 248 -12.82 2.53 -8.87
N ILE A 249 -12.38 1.89 -7.77
CA ILE A 249 -12.14 0.49 -7.80
C ILE A 249 -13.23 -0.24 -7.06
N TYR A 250 -13.89 -1.21 -7.69
CA TYR A 250 -14.84 -2.08 -6.97
C TYR A 250 -14.26 -3.46 -6.69
N LEU A 251 -14.44 -4.02 -5.51
CA LEU A 251 -13.96 -5.38 -5.27
C LEU A 251 -15.12 -6.16 -4.72
N CYS A 252 -15.32 -7.40 -5.20
CA CYS A 252 -16.26 -8.27 -4.51
C CYS A 252 -15.89 -9.70 -4.83
N ARG A 253 -16.57 -10.64 -4.14
CA ARG A 253 -16.40 -12.05 -4.40
C ARG A 253 -17.35 -12.57 -5.46
N HIS A 254 -16.96 -13.63 -6.14
CA HIS A 254 -17.96 -14.44 -6.80
C HIS A 254 -19.31 -14.56 -6.02
N GLY A 255 -20.46 -14.53 -6.70
CA GLY A 255 -21.73 -14.91 -6.07
C GLY A 255 -21.55 -16.20 -5.30
N GLU A 256 -22.24 -16.39 -4.18
CA GLU A 256 -22.23 -17.64 -3.46
C GLU A 256 -22.16 -18.89 -4.33
N ASN A 257 -21.29 -19.84 -3.96
CA ASN A 257 -21.20 -21.07 -4.72
C ASN A 257 -21.57 -22.29 -3.92
N GLU A 258 -21.55 -23.42 -4.60
CA GLU A 258 -22.01 -24.64 -3.98
C GLU A 258 -21.19 -25.14 -2.83
N HIS A 259 -19.85 -25.10 -2.95
CA HIS A 259 -18.98 -25.49 -1.82
C HIS A 259 -19.17 -24.49 -0.65
N ASN A 260 -19.42 -23.23 -1.00
CA ASN A 260 -19.81 -22.31 0.09
C ASN A 260 -20.92 -22.98 0.93
N LEU A 261 -21.97 -23.49 0.23
CA LEU A 261 -23.15 -24.07 0.91
C LEU A 261 -22.80 -25.28 1.74
N GLN A 262 -21.83 -26.05 1.31
CA GLN A 262 -21.36 -27.12 2.13
C GLN A 262 -20.18 -26.80 2.98
N GLY A 263 -19.81 -25.52 3.19
CA GLY A 263 -18.63 -25.23 4.04
C GLY A 263 -17.35 -25.90 3.48
N ARG A 264 -17.34 -26.17 2.17
CA ARG A 264 -16.13 -26.67 1.54
C ARG A 264 -15.21 -25.59 1.01
N ILE A 265 -13.89 -25.71 1.33
CA ILE A 265 -12.90 -24.73 0.77
C ILE A 265 -12.44 -25.09 -0.65
N GLY A 266 -12.01 -24.10 -1.43
CA GLY A 266 -11.34 -24.31 -2.70
C GLY A 266 -12.22 -24.95 -3.77
N GLY A 267 -11.61 -25.78 -4.62
CA GLY A 267 -12.39 -26.39 -5.69
C GLY A 267 -12.75 -25.35 -6.74
N ASP A 268 -13.58 -25.75 -7.68
CA ASP A 268 -14.02 -24.90 -8.76
C ASP A 268 -15.54 -25.08 -8.95
N SER A 269 -16.31 -24.98 -7.87
CA SER A 269 -17.76 -25.15 -8.01
C SER A 269 -18.48 -23.91 -8.59
N GLY A 270 -19.71 -24.11 -9.10
CA GLY A 270 -20.50 -23.03 -9.81
C GLY A 270 -21.36 -22.28 -8.81
N LEU A 271 -22.15 -21.32 -9.29
CA LEU A 271 -22.97 -20.54 -8.37
C LEU A 271 -24.18 -21.32 -7.90
N SER A 272 -24.47 -21.25 -6.59
CA SER A 272 -25.81 -21.53 -5.97
C SER A 272 -26.88 -20.64 -6.63
N SER A 273 -28.17 -20.89 -6.37
CA SER A 273 -29.19 -20.00 -6.92
C SER A 273 -29.13 -18.67 -6.26
N ARG A 274 -28.68 -18.61 -5.04
CA ARG A 274 -28.44 -17.26 -4.48
C ARG A 274 -27.24 -16.47 -5.13
N GLY A 275 -26.10 -17.19 -5.31
CA GLY A 275 -24.96 -16.67 -6.03
C GLY A 275 -25.46 -16.07 -7.33
N LYS A 276 -26.38 -16.76 -8.01
CA LYS A 276 -26.91 -16.17 -9.31
C LYS A 276 -27.76 -14.95 -9.11
N LYS A 277 -28.47 -14.92 -7.98
CA LYS A 277 -29.33 -13.76 -7.73
C LYS A 277 -28.40 -12.60 -7.41
N PHE A 278 -27.32 -12.85 -6.67
CA PHE A 278 -26.27 -11.79 -6.50
C PHE A 278 -25.74 -11.26 -7.85
N ALA A 279 -25.53 -12.17 -8.79
CA ALA A 279 -24.98 -11.73 -10.06
C ALA A 279 -25.83 -10.71 -10.72
N SER A 280 -27.10 -11.01 -10.91
CA SER A 280 -28.14 -9.97 -11.32
C SER A 280 -28.13 -8.70 -10.54
N ALA A 281 -28.07 -8.82 -9.22
CA ALA A 281 -28.04 -7.60 -8.43
C ALA A 281 -26.76 -6.80 -8.77
N LEU A 282 -25.65 -7.55 -9.01
CA LEU A 282 -24.40 -6.86 -9.28
C LEU A 282 -24.57 -6.15 -10.61
N SER A 283 -25.30 -6.78 -11.52
CA SER A 283 -25.59 -6.08 -12.77
C SER A 283 -26.32 -4.76 -12.55
N LYS A 284 -27.38 -4.84 -11.75
CA LYS A 284 -28.21 -3.69 -11.40
C LYS A 284 -27.30 -2.67 -10.73
N PHE A 285 -26.59 -3.08 -9.68
CA PHE A 285 -25.61 -2.15 -9.09
C PHE A 285 -24.64 -1.50 -10.11
N VAL A 286 -24.05 -2.30 -11.01
CA VAL A 286 -23.14 -1.67 -11.91
C VAL A 286 -23.80 -0.64 -12.73
N GLU A 287 -24.97 -0.92 -13.29
CA GLU A 287 -25.72 0.01 -14.19
C GLU A 287 -25.97 1.37 -13.51
N GLU A 288 -26.48 1.29 -12.28
CA GLU A 288 -26.81 2.48 -11.52
C GLU A 288 -25.54 3.28 -11.10
N GLN A 289 -24.35 2.71 -11.22
CA GLN A 289 -23.14 3.52 -10.89
C GLN A 289 -22.79 4.54 -11.98
N ASN A 290 -23.33 4.32 -13.19
CA ASN A 290 -23.15 5.19 -14.37
C ASN A 290 -21.74 5.49 -14.77
N LEU A 291 -20.93 4.46 -14.86
CA LEU A 291 -19.54 4.64 -15.19
C LEU A 291 -19.38 4.66 -16.69
N LYS A 292 -18.76 5.71 -17.22
CA LYS A 292 -18.57 5.85 -18.68
C LYS A 292 -17.84 4.61 -19.31
N ASP A 293 -16.77 4.10 -18.64
CA ASP A 293 -16.12 2.84 -19.01
C ASP A 293 -15.93 2.11 -17.76
N LEU A 294 -15.62 0.83 -17.85
CA LEU A 294 -15.41 0.01 -16.67
C LEU A 294 -14.72 -1.26 -17.09
N ARG A 295 -13.51 -1.55 -16.59
CA ARG A 295 -12.97 -2.85 -16.87
C ARG A 295 -13.48 -3.80 -15.85
N VAL A 296 -13.69 -5.05 -16.23
CA VAL A 296 -14.06 -6.11 -15.35
C VAL A 296 -13.01 -7.20 -15.40
N TRP A 297 -12.50 -7.61 -14.23
CA TRP A 297 -11.55 -8.69 -14.15
C TRP A 297 -12.12 -9.84 -13.32
N THR A 298 -11.83 -11.07 -13.70
CA THR A 298 -12.21 -12.16 -12.87
C THR A 298 -10.98 -13.10 -12.66
N SER A 299 -11.20 -14.16 -11.90
CA SER A 299 -10.24 -15.21 -11.83
C SER A 299 -10.49 -16.17 -13.01
N GLN A 300 -9.89 -17.35 -12.95
CA GLN A 300 -10.19 -18.40 -13.91
C GLN A 300 -11.06 -19.46 -13.26
N LEU A 301 -11.53 -19.19 -12.05
CA LEU A 301 -12.45 -20.11 -11.41
C LEU A 301 -13.85 -19.83 -11.85
N LYS A 302 -14.66 -20.89 -12.06
CA LYS A 302 -16.00 -20.71 -12.69
C LYS A 302 -16.93 -19.66 -12.07
N SER A 303 -16.88 -19.60 -10.74
CA SER A 303 -17.87 -18.83 -10.00
C SER A 303 -17.62 -17.35 -10.16
N THR A 304 -16.37 -16.95 -10.36
CA THR A 304 -16.17 -15.52 -10.68
C THR A 304 -16.60 -15.22 -12.12
N ILE A 305 -16.44 -16.18 -13.03
CA ILE A 305 -16.74 -15.94 -14.45
C ILE A 305 -18.24 -15.92 -14.63
N GLN A 306 -18.95 -16.91 -14.05
CA GLN A 306 -20.41 -16.87 -14.10
C GLN A 306 -20.97 -15.56 -13.57
N THR A 307 -20.39 -15.06 -12.47
CA THR A 307 -20.79 -13.79 -11.92
C THR A 307 -20.57 -12.70 -12.98
N ALA A 308 -19.41 -12.65 -13.62
CA ALA A 308 -19.18 -11.60 -14.63
C ALA A 308 -20.14 -11.69 -15.83
N GLU A 309 -20.57 -12.91 -16.14
CA GLU A 309 -21.43 -13.13 -17.31
C GLU A 309 -22.75 -12.37 -17.07
N ALA A 310 -23.28 -12.45 -15.85
CA ALA A 310 -24.48 -11.66 -15.47
C ALA A 310 -24.38 -10.19 -15.88
N LEU A 311 -23.19 -9.61 -16.04
CA LEU A 311 -23.07 -8.13 -16.31
C LEU A 311 -23.20 -7.69 -17.75
N ARG A 312 -23.08 -8.66 -18.66
CA ARG A 312 -22.99 -8.42 -20.12
C ARG A 312 -21.97 -7.36 -20.51
N LEU A 313 -20.75 -7.49 -20.00
CA LEU A 313 -19.67 -6.58 -20.34
C LEU A 313 -18.41 -7.40 -20.68
N PRO A 314 -17.55 -6.84 -21.53
CA PRO A 314 -16.22 -7.51 -21.72
C PRO A 314 -15.53 -7.70 -20.33
N TYR A 315 -14.99 -8.88 -20.07
CA TYR A 315 -14.28 -9.09 -18.84
C TYR A 315 -13.02 -9.87 -19.17
N GLU A 316 -12.02 -9.77 -18.33
CA GLU A 316 -10.78 -10.44 -18.61
C GLU A 316 -10.38 -11.35 -17.45
N GLN A 317 -10.04 -12.61 -17.73
CA GLN A 317 -9.74 -13.59 -16.72
C GLN A 317 -8.25 -13.51 -16.40
N TRP A 318 -7.87 -13.61 -15.10
CA TRP A 318 -6.45 -13.58 -14.67
C TRP A 318 -6.27 -14.76 -13.82
N LYS A 319 -5.34 -15.61 -14.14
CA LYS A 319 -4.97 -16.69 -13.25
C LYS A 319 -4.55 -16.23 -11.85
N ALA A 320 -3.83 -15.11 -11.79
CA ALA A 320 -3.33 -14.56 -10.54
C ALA A 320 -4.45 -14.29 -9.53
N LEU A 321 -5.67 -14.10 -10.01
CA LEU A 321 -6.80 -13.85 -9.08
C LEU A 321 -7.45 -15.13 -8.56
N ASN A 322 -7.07 -16.28 -9.08
CA ASN A 322 -7.54 -17.55 -8.49
C ASN A 322 -7.38 -17.62 -6.95
N GLU A 323 -8.32 -18.25 -6.22
CA GLU A 323 -8.26 -18.29 -4.77
C GLU A 323 -7.02 -18.96 -4.26
N ILE A 324 -6.62 -18.65 -3.04
CA ILE A 324 -5.49 -19.29 -2.41
C ILE A 324 -5.55 -20.77 -2.64
N ASP A 325 -4.42 -21.41 -2.85
CA ASP A 325 -4.53 -22.85 -3.21
C ASP A 325 -4.35 -23.65 -1.94
N ALA A 326 -5.35 -24.37 -1.53
CA ALA A 326 -5.23 -25.07 -0.24
C ALA A 326 -4.47 -26.43 -0.28
N GLY A 327 -3.66 -26.66 -1.32
CA GLY A 327 -2.86 -27.87 -1.46
C GLY A 327 -3.64 -29.17 -1.34
N VAL A 328 -3.24 -30.06 -0.44
CA VAL A 328 -4.01 -31.30 -0.19
C VAL A 328 -5.34 -31.13 0.59
N CYS A 329 -5.69 -29.90 0.98
CA CYS A 329 -6.98 -29.63 1.63
C CYS A 329 -8.03 -29.08 0.68
N GLU A 330 -7.70 -28.97 -0.59
CA GLU A 330 -8.68 -28.50 -1.54
C GLU A 330 -9.93 -29.36 -1.38
N GLU A 331 -11.08 -28.69 -1.28
CA GLU A 331 -12.37 -29.36 -1.28
C GLU A 331 -12.74 -30.05 0.02
N LEU A 332 -11.99 -29.85 1.10
CA LEU A 332 -12.36 -30.33 2.40
C LEU A 332 -13.11 -29.27 3.12
N THR A 333 -13.89 -29.68 4.15
CA THR A 333 -14.50 -28.72 5.12
C THR A 333 -13.46 -28.45 6.17
N TYR A 334 -13.55 -27.33 6.89
CA TYR A 334 -12.60 -27.06 7.96
C TYR A 334 -12.64 -28.15 9.03
N GLU A 335 -13.82 -28.72 9.27
CA GLU A 335 -13.96 -29.92 10.09
C GLU A 335 -13.12 -31.04 9.54
N GLU A 336 -13.31 -31.35 8.25
CA GLU A 336 -12.53 -32.43 7.68
C GLU A 336 -11.05 -32.10 7.84
N ILE A 337 -10.67 -30.80 7.78
CA ILE A 337 -9.25 -30.44 7.95
C ILE A 337 -8.79 -30.74 9.39
N ARG A 338 -9.55 -30.23 10.38
CA ARG A 338 -9.26 -30.42 11.82
C ARG A 338 -9.02 -31.90 12.11
N ASP A 339 -9.83 -32.77 11.52
CA ASP A 339 -9.80 -34.20 11.84
C ASP A 339 -8.69 -34.99 11.14
N THR A 340 -8.48 -34.74 9.85
CA THR A 340 -7.44 -35.40 9.11
C THR A 340 -6.09 -34.75 9.34
N TYR A 341 -6.06 -33.42 9.52
CA TYR A 341 -4.75 -32.75 9.71
C TYR A 341 -4.73 -31.79 10.88
N PRO A 342 -4.95 -32.31 12.11
CA PRO A 342 -5.10 -31.40 13.29
C PRO A 342 -3.82 -30.54 13.48
N GLU A 343 -2.68 -31.15 13.30
CA GLU A 343 -1.45 -30.41 13.42
C GLU A 343 -1.39 -29.26 12.39
N GLU A 344 -1.72 -29.55 11.13
CA GLU A 344 -1.78 -28.51 10.11
C GLU A 344 -2.78 -27.44 10.52
N TYR A 345 -3.93 -27.89 11.01
CA TYR A 345 -5.04 -26.98 11.35
C TYR A 345 -4.61 -25.98 12.44
N ALA A 346 -4.01 -26.53 13.50
CA ALA A 346 -3.36 -25.73 14.53
C ALA A 346 -2.22 -24.83 14.03
N LEU A 347 -1.40 -25.30 13.10
CA LEU A 347 -0.28 -24.45 12.64
C LEU A 347 -0.84 -23.24 11.87
N ARG A 348 -1.94 -23.45 11.15
CA ARG A 348 -2.47 -22.38 10.34
C ARG A 348 -3.06 -21.31 11.28
N GLU A 349 -3.75 -21.79 12.33
CA GLU A 349 -4.25 -20.88 13.36
C GLU A 349 -3.16 -20.10 14.07
N GLN A 350 -1.99 -20.71 14.28
CA GLN A 350 -0.90 -19.99 14.93
C GLN A 350 -0.31 -18.88 14.14
N ASP A 351 -0.32 -19.01 12.79
CA ASP A 351 0.48 -18.13 11.90
C ASP A 351 -0.14 -18.05 10.50
N LYS A 352 -1.29 -17.39 10.42
CA LYS A 352 -2.15 -17.59 9.31
C LYS A 352 -1.62 -16.85 8.09
N TYR A 353 -0.77 -15.85 8.26
CA TYR A 353 -0.26 -15.14 7.11
C TYR A 353 0.80 -15.99 6.40
N TYR A 354 1.72 -16.57 7.18
CA TYR A 354 2.87 -17.29 6.67
C TYR A 354 2.66 -18.77 6.45
N TYR A 355 1.73 -19.34 7.18
CA TYR A 355 1.39 -20.72 6.97
C TYR A 355 1.13 -21.09 5.50
N ARG A 356 1.74 -22.18 5.06
CA ARG A 356 1.46 -22.60 3.70
C ARG A 356 0.84 -23.97 3.84
N TYR A 357 -0.21 -24.24 3.08
CA TYR A 357 -0.84 -25.52 3.03
C TYR A 357 0.07 -26.56 2.32
N PRO A 358 -0.09 -27.83 2.69
CA PRO A 358 0.89 -28.76 2.09
C PRO A 358 0.63 -28.91 0.58
N THR A 359 1.65 -28.61 -0.21
CA THR A 359 1.62 -28.55 -1.69
C THR A 359 0.71 -27.38 -2.20
N GLY A 360 0.47 -26.40 -1.34
CA GLY A 360 -0.40 -25.28 -1.62
C GLY A 360 0.27 -23.99 -1.21
N GLU A 361 -0.55 -23.00 -0.84
CA GLU A 361 -0.03 -21.62 -0.68
C GLU A 361 -0.29 -21.00 0.71
N SER A 362 0.39 -19.88 0.98
CA SER A 362 0.15 -19.03 2.12
C SER A 362 -0.33 -17.68 1.60
N TYR A 363 -0.89 -16.82 2.50
CA TYR A 363 -1.18 -15.40 2.18
C TYR A 363 0.06 -14.71 1.66
N GLN A 364 1.20 -15.10 2.17
CA GLN A 364 2.43 -14.52 1.63
C GLN A 364 2.60 -14.75 0.10
N ASP A 365 2.21 -15.96 -0.33
CA ASP A 365 2.35 -16.32 -1.73
C ASP A 365 1.39 -15.52 -2.54
N LEU A 366 0.14 -15.37 -2.03
CA LEU A 366 -0.88 -14.57 -2.74
C LEU A 366 -0.41 -13.16 -3.02
N VAL A 367 0.30 -12.57 -2.05
CA VAL A 367 0.83 -11.20 -2.24
C VAL A 367 1.67 -11.15 -3.49
N GLN A 368 2.54 -12.12 -3.60
CA GLN A 368 3.49 -12.16 -4.64
C GLN A 368 2.83 -12.47 -6.00
N ARG A 369 1.83 -13.36 -6.09
CA ARG A 369 1.19 -13.50 -7.37
C ARG A 369 0.34 -12.22 -7.63
N LEU A 370 -0.12 -11.54 -6.60
CA LEU A 370 -1.07 -10.41 -6.87
C LEU A 370 -0.36 -9.12 -7.22
N GLU A 371 0.94 -9.02 -6.99
CA GLU A 371 1.55 -7.74 -7.30
C GLU A 371 1.32 -7.30 -8.73
N PRO A 372 1.41 -8.19 -9.75
CA PRO A 372 1.09 -7.59 -11.06
C PRO A 372 -0.38 -7.15 -11.23
N VAL A 373 -1.28 -7.73 -10.45
CA VAL A 373 -2.67 -7.27 -10.48
C VAL A 373 -2.75 -5.86 -9.90
N ILE A 374 -2.09 -5.63 -8.76
CA ILE A 374 -2.02 -4.33 -8.09
C ILE A 374 -1.39 -3.29 -9.03
N MET A 375 -0.31 -3.69 -9.68
CA MET A 375 0.38 -2.79 -10.55
C MET A 375 -0.47 -2.37 -11.75
N GLU A 376 -1.32 -3.27 -12.25
CA GLU A 376 -2.23 -2.90 -13.33
C GLU A 376 -3.44 -2.11 -12.74
N LEU A 377 -3.85 -2.42 -11.52
CA LEU A 377 -4.91 -1.62 -10.91
C LEU A 377 -4.45 -0.16 -10.87
N GLU A 378 -3.16 0.06 -10.60
CA GLU A 378 -2.65 1.40 -10.41
C GLU A 378 -2.72 2.15 -11.73
N ARG A 379 -2.60 1.45 -12.87
CA ARG A 379 -2.53 2.09 -14.18
C ARG A 379 -3.94 2.41 -14.67
N GLN A 380 -4.91 1.65 -14.18
CA GLN A 380 -6.25 1.71 -14.75
C GLN A 380 -7.06 2.87 -14.17
N GLU A 381 -8.30 3.00 -14.66
CA GLU A 381 -9.25 3.94 -14.16
C GLU A 381 -10.39 3.16 -13.47
N ASN A 382 -11.55 2.98 -14.06
CA ASN A 382 -12.60 2.23 -13.38
C ASN A 382 -12.39 0.74 -13.54
N VAL A 383 -12.33 0.01 -12.43
CA VAL A 383 -12.22 -1.45 -12.49
C VAL A 383 -13.10 -2.11 -11.44
N LEU A 384 -13.82 -3.13 -11.87
CA LEU A 384 -14.50 -4.06 -10.98
C LEU A 384 -13.71 -5.36 -10.96
N VAL A 385 -13.31 -5.85 -9.78
CA VAL A 385 -12.53 -7.06 -9.70
C VAL A 385 -13.40 -8.02 -8.95
N ILE A 386 -13.80 -9.13 -9.57
CA ILE A 386 -14.59 -10.13 -8.92
C ILE A 386 -13.74 -11.36 -8.53
N CYS A 387 -13.66 -11.69 -7.25
CA CYS A 387 -12.63 -12.67 -6.88
C CYS A 387 -13.03 -13.58 -5.74
N HIS A 388 -12.18 -13.75 -4.74
CA HIS A 388 -12.39 -14.76 -3.71
C HIS A 388 -11.89 -14.27 -2.36
N GLN A 389 -12.27 -14.96 -1.29
CA GLN A 389 -12.02 -14.42 0.02
C GLN A 389 -10.59 -14.00 0.33
N ALA A 390 -9.66 -14.95 0.24
CA ALA A 390 -8.27 -14.68 0.62
C ALA A 390 -7.67 -13.65 -0.32
N VAL A 391 -7.94 -13.80 -1.61
CA VAL A 391 -7.47 -12.86 -2.58
C VAL A 391 -7.94 -11.43 -2.27
N LEU A 392 -9.25 -11.31 -2.06
CA LEU A 392 -9.87 -10.04 -1.73
C LEU A 392 -9.20 -9.41 -0.45
N ARG A 393 -9.08 -10.17 0.62
CA ARG A 393 -8.33 -9.72 1.79
C ARG A 393 -6.97 -9.13 1.36
N CYS A 394 -6.25 -9.86 0.49
CA CYS A 394 -4.89 -9.41 0.11
CA CYS A 394 -4.88 -9.45 0.11
C CYS A 394 -4.87 -8.10 -0.63
N LEU A 395 -5.82 -7.92 -1.53
CA LEU A 395 -5.90 -6.67 -2.30
C LEU A 395 -6.36 -5.54 -1.35
N LEU A 396 -7.36 -5.84 -0.48
CA LEU A 396 -7.92 -4.83 0.41
C LEU A 396 -6.79 -4.35 1.34
N ALA A 397 -6.03 -5.29 1.94
CA ALA A 397 -4.87 -4.93 2.72
C ALA A 397 -3.97 -3.98 1.97
N TYR A 398 -3.80 -4.18 0.67
CA TYR A 398 -2.96 -3.16 0.03
C TYR A 398 -3.63 -1.76 -0.05
N PHE A 399 -4.92 -1.70 -0.43
CA PHE A 399 -5.55 -0.43 -0.57
C PHE A 399 -5.76 0.28 0.81
N LEU A 400 -6.07 -0.50 1.84
CA LEU A 400 -6.34 0.10 3.17
C LEU A 400 -5.14 0.04 4.10
N ASP A 401 -3.96 -0.21 3.53
CA ASP A 401 -2.75 -0.24 4.30
C ASP A 401 -2.82 -1.19 5.54
N LYS A 402 -3.33 -2.40 5.38
CA LYS A 402 -3.35 -3.30 6.53
C LYS A 402 -2.10 -4.18 6.65
N SER A 403 -1.64 -4.44 7.86
CA SER A 403 -0.43 -5.20 8.01
C SER A 403 -0.62 -6.71 7.60
N ALA A 404 0.51 -7.41 7.44
CA ALA A 404 0.51 -8.86 7.21
C ALA A 404 -0.29 -9.57 8.29
N GLU A 405 -0.20 -9.08 9.49
CA GLU A 405 -0.74 -9.79 10.57
C GLU A 405 -2.26 -9.63 10.57
N GLU A 406 -2.78 -8.46 10.21
CA GLU A 406 -4.26 -8.31 10.16
C GLU A 406 -4.91 -8.84 8.84
N MET A 407 -4.13 -8.89 7.74
CA MET A 407 -4.67 -9.27 6.42
C MET A 407 -5.48 -10.61 6.30
N PRO A 408 -5.01 -11.72 6.91
CA PRO A 408 -5.78 -12.99 6.84
C PRO A 408 -7.14 -12.95 7.57
N TYR A 409 -7.40 -11.86 8.30
CA TYR A 409 -8.56 -11.80 9.16
C TYR A 409 -9.48 -10.68 8.69
N LEU A 410 -9.13 -9.95 7.65
CA LEU A 410 -10.07 -8.93 7.23
C LEU A 410 -11.42 -9.53 6.84
N LYS A 411 -12.49 -8.79 7.05
CA LYS A 411 -13.84 -9.27 6.76
C LYS A 411 -14.16 -8.93 5.36
N CYS A 412 -14.49 -9.93 4.57
CA CYS A 412 -14.74 -9.73 3.12
C CYS A 412 -15.94 -10.62 2.80
N PRO A 413 -17.15 -10.17 3.19
CA PRO A 413 -18.29 -11.11 3.08
C PRO A 413 -18.76 -11.28 1.66
N LEU A 414 -19.48 -12.35 1.43
CA LEU A 414 -20.16 -12.55 0.16
C LEU A 414 -21.16 -11.46 -0.14
N HIS A 415 -21.40 -11.23 -1.41
CA HIS A 415 -22.51 -10.42 -1.87
C HIS A 415 -22.37 -8.94 -1.53
N THR A 416 -21.13 -8.52 -1.33
CA THR A 416 -20.85 -7.18 -0.88
C THR A 416 -19.75 -6.56 -1.74
N VAL A 417 -20.03 -5.41 -2.33
CA VAL A 417 -19.04 -4.65 -3.05
C VAL A 417 -18.26 -3.73 -2.10
N LEU A 418 -16.93 -3.69 -2.17
CA LEU A 418 -16.15 -2.69 -1.51
C LEU A 418 -15.83 -1.71 -2.60
N LYS A 419 -16.23 -0.46 -2.39
CA LYS A 419 -16.06 0.55 -3.40
C LYS A 419 -14.99 1.47 -2.84
N LEU A 420 -13.89 1.62 -3.59
CA LEU A 420 -12.71 2.31 -3.13
C LEU A 420 -12.54 3.56 -3.96
N THR A 421 -12.49 4.75 -3.33
CA THR A 421 -12.30 6.01 -4.05
C THR A 421 -11.12 6.74 -3.43
N PRO A 422 -10.25 7.36 -4.25
CA PRO A 422 -9.06 8.08 -3.69
C PRO A 422 -9.45 9.32 -2.99
N VAL A 423 -9.04 9.48 -1.76
CA VAL A 423 -9.20 10.75 -1.12
C VAL A 423 -7.94 11.09 -0.33
N ALA A 424 -7.51 12.35 -0.46
CA ALA A 424 -6.33 12.90 0.24
C ALA A 424 -5.17 11.97 -0.01
N TYR A 425 -4.67 11.30 1.03
CA TYR A 425 -3.48 10.44 0.99
C TYR A 425 -3.67 8.91 0.85
N GLY A 426 -4.91 8.42 0.81
CA GLY A 426 -5.18 7.00 0.59
C GLY A 426 -6.51 6.74 -0.10
N CYS A 427 -7.28 5.84 0.47
CA CYS A 427 -8.54 5.41 -0.13
C CYS A 427 -9.63 5.43 0.86
N ARG A 428 -10.76 6.03 0.48
CA ARG A 428 -12.01 5.79 1.15
C ARG A 428 -12.55 4.41 0.72
N VAL A 429 -12.94 3.59 1.71
CA VAL A 429 -13.78 2.42 1.46
C VAL A 429 -15.29 2.65 1.79
N GLU A 430 -16.20 2.35 0.85
CA GLU A 430 -17.61 2.21 1.21
C GLU A 430 -18.00 0.79 0.89
N SER A 431 -18.81 0.21 1.76
CA SER A 431 -19.25 -1.14 1.59
C SER A 431 -20.70 -1.06 1.10
N ILE A 432 -21.09 -1.87 0.12
CA ILE A 432 -22.44 -1.89 -0.37
C ILE A 432 -22.88 -3.34 -0.55
N TYR A 433 -23.78 -3.78 0.32
CA TYR A 433 -24.31 -5.12 0.27
C TYR A 433 -25.55 -5.14 -0.66
N LEU A 434 -25.64 -6.18 -1.47
CA LEU A 434 -26.65 -6.21 -2.52
C LEU A 434 -27.83 -7.06 -2.13
N ASN A 435 -27.93 -7.34 -0.85
CA ASN A 435 -29.19 -7.76 -0.30
C ASN A 435 -29.65 -9.06 -0.84
N VAL A 436 -28.76 -10.05 -0.85
CA VAL A 436 -29.12 -11.39 -1.27
C VAL A 436 -28.40 -12.19 -0.25
N GLU A 437 -29.08 -13.15 0.36
CA GLU A 437 -28.52 -13.90 1.46
C GLU A 437 -27.42 -14.82 0.94
N SER A 438 -26.58 -15.29 1.87
CA SER A 438 -25.62 -16.31 1.54
C SER A 438 -25.19 -16.83 2.86
N VAL A 439 -24.45 -17.93 2.87
CA VAL A 439 -23.64 -18.28 4.04
C VAL A 439 -22.59 -17.19 4.34
N CYS A 440 -21.94 -17.35 5.47
CA CYS A 440 -20.94 -16.43 5.89
C CYS A 440 -19.68 -17.30 6.13
N THR A 441 -18.55 -16.91 5.54
CA THR A 441 -17.38 -17.82 5.51
C THR A 441 -16.27 -17.23 6.36
N HIS A 442 -16.58 -16.16 7.08
CA HIS A 442 -15.63 -15.52 7.94
C HIS A 442 -15.29 -16.33 9.16
N ARG A 443 -14.01 -16.44 9.50
CA ARG A 443 -13.56 -17.22 10.67
C ARG A 443 -12.58 -16.40 11.46
N GLU A 444 -12.96 -15.92 12.65
CA GLU A 444 -12.04 -15.10 13.50
C GLU A 444 -10.88 -15.91 14.03
N ARG A 445 -9.85 -15.23 14.51
CA ARG A 445 -8.68 -15.84 15.23
C ARG A 445 -9.10 -16.76 16.39
N SER A 446 -8.31 -17.79 16.70
CA SER A 446 -8.67 -18.73 17.82
C SER A 446 -7.83 -18.82 19.13
N GLU A 447 -8.37 -18.16 20.17
CA GLU A 447 -7.89 -18.17 21.58
C GLU A 447 -6.41 -18.50 21.82
N ASN A 454 0.44 -24.33 28.07
CA ASN A 454 0.15 -25.79 28.10
C ASN A 454 0.73 -26.58 29.32
N PRO A 455 -0.10 -26.73 30.41
CA PRO A 455 0.35 -27.19 31.75
C PRO A 455 1.28 -28.41 31.81
N LEU A 456 1.13 -29.35 30.89
CA LEU A 456 1.80 -30.65 31.03
C LEU A 456 3.30 -30.67 30.55
N MET A 457 3.71 -29.60 29.82
CA MET A 457 5.11 -29.26 29.43
C MET A 457 5.94 -28.47 30.49
N ARG A 458 5.40 -28.41 31.71
CA ARG A 458 5.98 -27.74 32.86
C ARG A 458 5.80 -28.60 34.10
N ARG A 459 6.67 -28.40 35.07
CA ARG A 459 6.64 -29.16 36.32
C ARG A 459 5.41 -28.88 37.17
N ASN A 460 4.96 -27.62 37.23
CA ASN A 460 3.74 -27.27 37.97
C ASN A 460 2.82 -26.41 37.10
#